data_7ZJ4
#
_entry.id   7ZJ4
#
_cell.length_a   1.00
_cell.length_b   1.00
_cell.length_c   1.00
_cell.angle_alpha   90.00
_cell.angle_beta   90.00
_cell.angle_gamma   90.00
#
_symmetry.space_group_name_H-M   'P 1'
#
loop_
_entity.id
_entity.type
_entity.pdbx_description
1 polymer 'brocolli-pepper aptamer'
2 non-polymer 4-[(~{Z})-1-cyano-2-[5-[2-hydroxyethyl(methyl)amino]thieno[3,2-b]thiophen-2-yl]ethenyl]benzenecarbonitrile
3 non-polymer 4-(3,5-difluoro-4-hydroxybenzyl)-1,2-dimethyl-1H-imidazol-5-ol
4 non-polymer 'POTASSIUM ION'
#
_entity_poly.entity_id   1
_entity_poly.type   'polyribonucleotide'
_entity_poly.pdbx_seq_one_letter_code
;GGAUACGUCUACGCUCAGUGACGGACUCUCUUCGGAGAGUCUGACAUCCGAACCAUACACGGAUGUGCCUCGCCGAACAG
UCUACGGCGAGCUUAAGCGCUGGGGACGCCCAACGCAUCACAAAGACUGAGUGAUGAACCAGAAGUAUGGACUGGUUGCG
UUGGUGGAGACGGUCGGGUCCAGUUCGCUGUCGAGUAGAGUGUGGGCUCCAUCGACGCCGCUUUAAGGUCCCCAAUCGUG
GCGUGUCGGCCUGCUUCGGCAGGCACUGGCGCCGGGACCUUGAAGAGAUGAGAUUUCGAUCUCAUCUUUGGGUGUCUCUG
GUGCUUGAGGGCCCUGUGUUCGCACAGGGCCGCUCACUGGGUGUGGACGUAUCC
;
_entity_poly.pdbx_strand_id   E
#